data_1YBV
#
_entry.id   1YBV
#
_cell.length_a   142.600
_cell.length_b   142.600
_cell.length_c   72.900
_cell.angle_alpha   90.00
_cell.angle_beta   90.00
_cell.angle_gamma   120.00
#
_symmetry.space_group_name_H-M   'P 31 2 1'
#
loop_
_entity.id
_entity.type
_entity.pdbx_description
1 polymer 'TRIHYDROXYNAPHTHALENE REDUCTASE'
2 non-polymer 'NADPH DIHYDRO-NICOTINAMIDE-ADENINE-DINUCLEOTIDE PHOSPHATE'
3 non-polymer 5-METHYL-1,2,4-TRIAZOLO[3,4-B]BENZOTHIAZOLE
#
_entity_poly.entity_id   1
_entity_poly.type   'polypeptide(L)'
_entity_poly.pdbx_seq_one_letter_code
;MAAVTQPRGESKYDAIPGPLGPQSASLEGKVALVTGAGRGIGREMAMELGRRGCKVIVNYANSTESAEEVVAAIKKNGSD
AACVKANVGVVEDIVRMFEEAVKIFGKLDIVCSNSGVVSFGHVKDVTPEEFDRVFTINTRGQFFVAREAYKHLEIGGRLI
LMGSITGQAKAVPKHAVYSGSKGAIETFARCMAIDMADKKITVNVVAPGGIKTDMYHAVCREYIPNGENLSNEEVDEYAA
VQWSPLRRVGLPIDIARVVCFLASNDGGWVTGKVIGIDGGACM
;
_entity_poly.pdbx_strand_id   A,B
#
loop_
_chem_comp.id
_chem_comp.type
_chem_comp.name
_chem_comp.formula
BEA non-polymer 5-METHYL-1,2,4-TRIAZOLO[3,4-B]BENZOTHIAZOLE 'C9 H8 N3 S 1'
NDP non-polymer 'NADPH DIHYDRO-NICOTINAMIDE-ADENINE-DINUCLEOTIDE PHOSPHATE' 'C21 H30 N7 O17 P3'
#
# COMPACT_ATOMS: atom_id res chain seq x y z
N ASP A 14 -11.12 14.46 16.29
CA ASP A 14 -11.62 13.08 16.61
C ASP A 14 -10.52 12.25 17.25
N ALA A 15 -10.91 11.09 17.79
CA ALA A 15 -9.99 10.19 18.44
C ALA A 15 -9.02 9.53 17.46
N ILE A 16 -7.76 9.44 17.87
CA ILE A 16 -6.71 8.82 17.06
C ILE A 16 -6.88 7.32 17.14
N PRO A 17 -6.91 6.65 15.98
CA PRO A 17 -7.08 5.20 15.92
C PRO A 17 -5.74 4.47 16.12
N GLY A 18 -5.49 4.02 17.34
CA GLY A 18 -4.24 3.31 17.61
C GLY A 18 -3.11 4.21 18.07
N PRO A 19 -1.99 3.62 18.49
CA PRO A 19 -0.81 4.34 18.97
C PRO A 19 -0.09 5.13 17.89
N LEU A 20 0.57 6.20 18.32
CA LEU A 20 1.36 7.03 17.42
C LEU A 20 2.78 6.44 17.50
N GLY A 21 3.58 6.59 16.44
CA GLY A 21 4.93 6.06 16.45
C GLY A 21 5.08 4.63 15.93
N PRO A 22 6.30 4.09 15.93
CA PRO A 22 6.67 2.74 15.47
C PRO A 22 5.78 1.63 16.02
N GLN A 23 5.21 1.86 17.20
CA GLN A 23 4.35 0.89 17.86
C GLN A 23 3.14 0.56 17.01
N SER A 24 2.87 1.38 16.00
CA SER A 24 1.72 1.15 15.13
C SER A 24 1.98 0.06 14.10
N ALA A 25 3.24 -0.33 13.95
CA ALA A 25 3.60 -1.35 12.97
C ALA A 25 3.79 -2.70 13.65
N SER A 26 3.54 -2.76 14.96
CA SER A 26 3.73 -3.98 15.73
C SER A 26 2.64 -5.03 15.49
N LEU A 27 3.06 -6.28 15.26
CA LEU A 27 2.11 -7.35 15.05
C LEU A 27 2.14 -8.30 16.25
N GLU A 28 2.91 -7.91 17.25
CA GLU A 28 3.08 -8.68 18.47
C GLU A 28 1.77 -8.98 19.17
N GLY A 29 1.51 -10.26 19.40
CA GLY A 29 0.29 -10.67 20.07
C GLY A 29 -0.90 -10.92 19.15
N LYS A 30 -0.63 -10.97 17.85
CA LYS A 30 -1.66 -11.20 16.86
C LYS A 30 -1.58 -12.64 16.44
N VAL A 31 -2.73 -13.26 16.17
CA VAL A 31 -2.74 -14.65 15.71
C VAL A 31 -3.14 -14.58 14.24
N ALA A 32 -2.36 -15.22 13.38
CA ALA A 32 -2.64 -15.18 11.96
C ALA A 32 -2.72 -16.56 11.38
N LEU A 33 -3.51 -16.69 10.32
CA LEU A 33 -3.70 -17.95 9.64
C LEU A 33 -3.29 -17.72 8.20
N VAL A 34 -2.35 -18.50 7.68
CA VAL A 34 -1.91 -18.35 6.30
C VAL A 34 -2.19 -19.65 5.56
N THR A 35 -2.98 -19.59 4.50
CA THR A 35 -3.28 -20.81 3.74
C THR A 35 -2.15 -21.10 2.77
N GLY A 36 -1.85 -22.37 2.59
CA GLY A 36 -0.76 -22.75 1.70
C GLY A 36 0.55 -22.15 2.14
N ALA A 37 0.89 -22.35 3.41
CA ALA A 37 2.13 -21.81 4.01
C ALA A 37 3.31 -22.76 4.12
N GLY A 38 3.25 -23.90 3.43
CA GLY A 38 4.37 -24.83 3.47
C GLY A 38 5.48 -24.43 2.52
N ARG A 39 5.17 -23.63 1.50
CA ARG A 39 6.20 -23.21 0.57
C ARG A 39 5.86 -21.92 -0.17
N GLY A 40 6.73 -21.52 -1.09
CA GLY A 40 6.53 -20.32 -1.87
C GLY A 40 6.38 -19.04 -1.07
N ILE A 41 5.54 -18.14 -1.60
CA ILE A 41 5.26 -16.86 -0.97
C ILE A 41 4.62 -17.04 0.39
N GLY A 42 3.72 -18.01 0.48
CA GLY A 42 3.02 -18.28 1.73
C GLY A 42 3.93 -18.60 2.88
N ARG A 43 4.94 -19.46 2.64
CA ARG A 43 5.88 -19.84 3.69
C ARG A 43 6.55 -18.60 4.25
N GLU A 44 6.99 -17.72 3.35
CA GLU A 44 7.66 -16.49 3.75
C GLU A 44 6.71 -15.53 4.44
N MET A 45 5.44 -15.61 4.10
CA MET A 45 4.43 -14.76 4.70
C MET A 45 4.30 -15.14 6.16
N ALA A 46 4.25 -16.43 6.46
CA ALA A 46 4.13 -16.93 7.82
C ALA A 46 5.41 -16.63 8.60
N MET A 47 6.55 -16.86 7.96
CA MET A 47 7.85 -16.60 8.56
C MET A 47 7.96 -15.15 8.99
N GLU A 48 7.75 -14.24 8.04
CA GLU A 48 7.84 -12.81 8.34
C GLU A 48 6.80 -12.37 9.36
N LEU A 49 5.56 -12.83 9.21
CA LEU A 49 4.53 -12.46 10.18
C LEU A 49 5.00 -12.85 11.58
N GLY A 50 5.59 -14.04 11.69
CA GLY A 50 6.09 -14.51 12.97
C GLY A 50 7.23 -13.64 13.47
N ARG A 51 8.15 -13.27 12.59
CA ARG A 51 9.29 -12.44 12.98
C ARG A 51 8.83 -11.12 13.58
N ARG A 52 7.64 -10.66 13.18
CA ARG A 52 7.12 -9.41 13.70
C ARG A 52 6.25 -9.67 14.94
N GLY A 53 6.43 -10.84 15.54
CA GLY A 53 5.71 -11.18 16.76
C GLY A 53 4.32 -11.77 16.63
N CYS A 54 4.09 -12.48 15.53
CA CYS A 54 2.78 -13.07 15.31
C CYS A 54 2.78 -14.56 15.60
N LYS A 55 1.64 -15.09 16.01
CA LYS A 55 1.51 -16.52 16.24
C LYS A 55 0.93 -16.95 14.91
N VAL A 56 1.64 -17.81 14.20
CA VAL A 56 1.20 -18.24 12.88
C VAL A 56 0.63 -19.65 12.84
N ILE A 57 -0.47 -19.83 12.14
CA ILE A 57 -1.09 -21.13 11.96
C ILE A 57 -0.84 -21.42 10.49
N VAL A 58 0.05 -22.36 10.18
CA VAL A 58 0.34 -22.64 8.78
C VAL A 58 -0.55 -23.73 8.21
N ASN A 59 -1.34 -23.38 7.21
CA ASN A 59 -2.23 -24.35 6.59
C ASN A 59 -1.47 -24.97 5.44
N TYR A 60 -1.82 -26.20 5.10
CA TYR A 60 -1.19 -26.90 4.01
C TYR A 60 -2.17 -27.90 3.45
N ALA A 61 -1.90 -28.35 2.22
CA ALA A 61 -2.74 -29.32 1.53
C ALA A 61 -2.00 -30.64 1.36
N ASN A 62 -0.77 -30.56 0.86
CA ASN A 62 0.02 -31.76 0.61
C ASN A 62 1.41 -31.72 1.25
N SER A 63 2.06 -30.57 1.22
CA SER A 63 3.41 -30.41 1.77
C SER A 63 3.58 -30.50 3.29
N THR A 64 3.12 -31.60 3.88
CA THR A 64 3.22 -31.81 5.33
C THR A 64 4.63 -31.56 5.86
N GLU A 65 5.60 -32.24 5.28
CA GLU A 65 7.00 -32.10 5.68
C GLU A 65 7.37 -30.62 5.76
N SER A 66 7.21 -29.93 4.63
CA SER A 66 7.52 -28.51 4.52
C SER A 66 6.75 -27.73 5.56
N ALA A 67 5.49 -28.10 5.73
CA ALA A 67 4.62 -27.44 6.69
C ALA A 67 5.30 -27.51 8.04
N GLU A 68 5.50 -28.72 8.55
CA GLU A 68 6.13 -28.91 9.84
C GLU A 68 7.44 -28.17 9.96
N GLU A 69 8.24 -28.20 8.90
CA GLU A 69 9.52 -27.53 8.90
C GLU A 69 9.32 -26.04 9.21
N VAL A 70 8.33 -25.43 8.57
CA VAL A 70 8.05 -24.02 8.76
C VAL A 70 7.65 -23.75 10.21
N VAL A 71 6.80 -24.63 10.78
CA VAL A 71 6.38 -24.46 12.16
C VAL A 71 7.57 -24.47 13.10
N ALA A 72 8.53 -25.35 12.85
CA ALA A 72 9.73 -25.46 13.67
C ALA A 72 10.50 -24.16 13.60
N ALA A 73 10.64 -23.65 12.38
CA ALA A 73 11.35 -22.42 12.12
C ALA A 73 10.78 -21.23 12.88
N ILE A 74 9.47 -21.04 12.80
CA ILE A 74 8.84 -19.91 13.48
C ILE A 74 9.09 -19.95 14.98
N LYS A 75 9.03 -21.13 15.57
CA LYS A 75 9.28 -21.28 16.99
C LYS A 75 10.73 -20.94 17.25
N LYS A 76 11.63 -21.50 16.45
CA LYS A 76 13.05 -21.24 16.61
C LYS A 76 13.33 -19.75 16.57
N ASN A 77 12.49 -18.99 15.86
CA ASN A 77 12.63 -17.54 15.78
C ASN A 77 12.04 -16.78 16.94
N GLY A 78 11.32 -17.50 17.80
CA GLY A 78 10.74 -16.84 18.97
C GLY A 78 9.24 -16.69 19.01
N SER A 79 8.52 -17.30 18.08
CA SER A 79 7.07 -17.20 18.09
C SER A 79 6.47 -18.58 18.09
N ASP A 80 5.22 -18.66 18.51
CA ASP A 80 4.51 -19.92 18.58
C ASP A 80 3.80 -20.11 17.23
N ALA A 81 3.69 -21.36 16.79
CA ALA A 81 3.04 -21.66 15.54
C ALA A 81 2.49 -23.06 15.62
N ALA A 82 1.63 -23.42 14.68
CA ALA A 82 1.02 -24.74 14.63
C ALA A 82 0.58 -24.88 13.19
N CYS A 83 0.30 -26.10 12.73
CA CYS A 83 -0.13 -26.25 11.35
C CYS A 83 -1.42 -27.02 11.26
N VAL A 84 -2.24 -26.67 10.28
CA VAL A 84 -3.52 -27.32 10.08
C VAL A 84 -3.62 -27.75 8.62
N LYS A 85 -4.16 -28.93 8.39
CA LYS A 85 -4.30 -29.45 7.04
C LYS A 85 -5.70 -29.18 6.54
N ALA A 86 -5.80 -28.74 5.28
CA ALA A 86 -7.09 -28.46 4.67
C ALA A 86 -6.94 -28.18 3.19
N ASN A 87 -7.87 -28.71 2.40
CA ASN A 87 -7.86 -28.49 0.96
C ASN A 87 -8.89 -27.40 0.69
N VAL A 88 -8.39 -26.22 0.37
CA VAL A 88 -9.22 -25.07 0.08
C VAL A 88 -10.26 -25.30 -1.02
N GLY A 89 -10.09 -26.36 -1.81
CA GLY A 89 -11.05 -26.63 -2.86
C GLY A 89 -12.25 -27.40 -2.32
N VAL A 90 -12.24 -27.67 -1.02
CA VAL A 90 -13.32 -28.41 -0.37
C VAL A 90 -13.87 -27.57 0.77
N VAL A 91 -15.03 -26.96 0.56
CA VAL A 91 -15.65 -26.11 1.58
C VAL A 91 -15.71 -26.71 2.99
N GLU A 92 -15.97 -28.00 3.11
CA GLU A 92 -15.99 -28.62 4.43
C GLU A 92 -14.63 -28.54 5.12
N ASP A 93 -13.55 -28.66 4.35
CA ASP A 93 -12.19 -28.58 4.89
C ASP A 93 -11.91 -27.20 5.44
N ILE A 94 -12.39 -26.18 4.74
CA ILE A 94 -12.20 -24.78 5.16
C ILE A 94 -12.95 -24.54 6.46
N VAL A 95 -14.20 -25.00 6.51
CA VAL A 95 -15.03 -24.83 7.68
C VAL A 95 -14.36 -25.46 8.90
N ARG A 96 -13.79 -26.64 8.72
CA ARG A 96 -13.11 -27.33 9.78
C ARG A 96 -11.82 -26.62 10.20
N MET A 97 -11.04 -26.19 9.21
CA MET A 97 -9.78 -25.50 9.45
C MET A 97 -9.93 -24.31 10.40
N PHE A 98 -11.02 -23.57 10.25
CA PHE A 98 -11.27 -22.41 11.10
C PHE A 98 -11.75 -22.77 12.50
N GLU A 99 -12.50 -23.86 12.61
CA GLU A 99 -12.99 -24.28 13.92
C GLU A 99 -11.82 -24.76 14.77
N GLU A 100 -10.84 -25.38 14.14
CA GLU A 100 -9.66 -25.85 14.85
C GLU A 100 -8.75 -24.67 15.11
N ALA A 101 -8.54 -23.85 14.09
CA ALA A 101 -7.68 -22.67 14.17
C ALA A 101 -7.97 -21.83 15.41
N VAL A 102 -9.24 -21.48 15.61
CA VAL A 102 -9.64 -20.66 16.74
C VAL A 102 -9.27 -21.28 18.09
N LYS A 103 -9.41 -22.60 18.22
CA LYS A 103 -9.10 -23.25 19.48
C LYS A 103 -7.60 -23.31 19.77
N ILE A 104 -6.77 -23.36 18.73
CA ILE A 104 -5.33 -23.46 18.92
C ILE A 104 -4.76 -22.32 19.77
N PHE A 105 -4.88 -21.08 19.32
CA PHE A 105 -4.34 -19.96 20.07
C PHE A 105 -5.43 -19.11 20.70
N GLY A 106 -6.67 -19.55 20.61
CA GLY A 106 -7.75 -18.83 21.23
C GLY A 106 -8.49 -17.79 20.40
N LYS A 107 -7.80 -17.13 19.47
CA LYS A 107 -8.43 -16.11 18.65
C LYS A 107 -7.79 -16.05 17.28
N LEU A 108 -8.35 -15.25 16.38
CA LEU A 108 -7.82 -15.11 15.03
C LEU A 108 -7.88 -13.64 14.61
N ASP A 109 -6.71 -13.03 14.43
CA ASP A 109 -6.64 -11.63 14.05
C ASP A 109 -6.43 -11.36 12.55
N ILE A 110 -5.58 -12.14 11.91
CA ILE A 110 -5.24 -11.95 10.51
C ILE A 110 -5.40 -13.22 9.70
N VAL A 111 -5.91 -13.10 8.48
CA VAL A 111 -6.05 -14.25 7.60
C VAL A 111 -5.43 -13.86 6.28
N CYS A 112 -4.57 -14.71 5.75
CA CYS A 112 -3.93 -14.45 4.48
C CYS A 112 -4.32 -15.60 3.56
N SER A 113 -5.17 -15.30 2.60
CA SER A 113 -5.64 -16.28 1.65
C SER A 113 -4.58 -16.31 0.56
N ASN A 114 -3.64 -17.24 0.67
CA ASN A 114 -2.54 -17.34 -0.27
C ASN A 114 -2.62 -18.43 -1.36
N SER A 115 -3.01 -19.63 -0.98
CA SER A 115 -3.09 -20.77 -1.89
C SER A 115 -3.61 -20.42 -3.29
N GLY A 116 -3.01 -21.06 -4.31
CA GLY A 116 -3.43 -20.82 -5.68
C GLY A 116 -2.72 -21.73 -6.65
N VAL A 117 -3.20 -21.81 -7.90
CA VAL A 117 -2.58 -22.64 -8.92
C VAL A 117 -2.55 -21.89 -10.26
N VAL A 118 -1.57 -22.19 -11.11
CA VAL A 118 -1.46 -21.52 -12.42
C VAL A 118 -1.95 -22.41 -13.54
N SER A 119 -2.06 -21.84 -14.72
CA SER A 119 -2.54 -22.58 -15.86
C SER A 119 -2.22 -21.75 -17.10
N PHE A 120 -1.93 -22.43 -18.20
CA PHE A 120 -1.62 -21.76 -19.47
C PHE A 120 -2.28 -22.53 -20.60
N GLY A 121 -2.67 -21.83 -21.65
CA GLY A 121 -3.30 -22.48 -22.79
C GLY A 121 -4.13 -21.50 -23.62
N HIS A 122 -4.14 -21.69 -24.93
CA HIS A 122 -4.93 -20.83 -25.80
C HIS A 122 -6.38 -21.11 -25.43
N VAL A 123 -7.25 -20.11 -25.54
CA VAL A 123 -8.67 -20.26 -25.22
C VAL A 123 -9.23 -21.53 -25.82
N LYS A 124 -9.01 -21.72 -27.11
CA LYS A 124 -9.52 -22.87 -27.85
C LYS A 124 -9.16 -24.24 -27.28
N ASP A 125 -8.19 -24.31 -26.38
CA ASP A 125 -7.78 -25.58 -25.81
C ASP A 125 -8.16 -25.78 -24.36
N VAL A 126 -8.94 -24.87 -23.81
CA VAL A 126 -9.32 -24.97 -22.40
C VAL A 126 -10.46 -25.97 -22.27
N THR A 127 -10.33 -26.91 -21.34
CA THR A 127 -11.35 -27.92 -21.11
C THR A 127 -12.12 -27.55 -19.86
N PRO A 128 -13.40 -27.93 -19.77
CA PRO A 128 -14.20 -27.61 -18.59
C PRO A 128 -13.53 -28.12 -17.31
N GLU A 129 -12.82 -29.25 -17.42
CA GLU A 129 -12.12 -29.82 -16.27
C GLU A 129 -11.00 -28.93 -15.78
N GLU A 130 -10.19 -28.41 -16.70
CA GLU A 130 -9.08 -27.53 -16.31
C GLU A 130 -9.56 -26.15 -15.87
N PHE A 131 -10.71 -25.71 -16.38
CA PHE A 131 -11.27 -24.42 -16.00
C PHE A 131 -11.75 -24.52 -14.55
N ASP A 132 -12.47 -25.59 -14.25
CA ASP A 132 -12.97 -25.80 -12.90
C ASP A 132 -11.85 -26.06 -11.91
N ARG A 133 -10.77 -26.66 -12.39
CA ARG A 133 -9.62 -26.98 -11.53
C ARG A 133 -9.05 -25.70 -10.94
N VAL A 134 -8.76 -24.74 -11.82
CA VAL A 134 -8.20 -23.45 -11.43
C VAL A 134 -9.18 -22.56 -10.65
N PHE A 135 -10.37 -22.36 -11.19
CA PHE A 135 -11.37 -21.53 -10.53
C PHE A 135 -11.78 -22.01 -9.14
N THR A 136 -11.83 -23.33 -8.96
CA THR A 136 -12.21 -23.92 -7.68
C THR A 136 -11.26 -23.59 -6.53
N ILE A 137 -9.96 -23.50 -6.83
CA ILE A 137 -8.97 -23.18 -5.80
C ILE A 137 -8.76 -21.66 -5.73
N ASN A 138 -8.40 -21.08 -6.87
CA ASN A 138 -8.15 -19.65 -6.99
C ASN A 138 -9.28 -18.70 -6.64
N THR A 139 -10.48 -18.98 -7.12
CA THR A 139 -11.60 -18.08 -6.86
C THR A 139 -12.58 -18.54 -5.82
N ARG A 140 -13.16 -19.72 -6.03
CA ARG A 140 -14.14 -20.28 -5.10
C ARG A 140 -13.55 -20.56 -3.72
N GLY A 141 -12.34 -21.10 -3.70
CA GLY A 141 -11.69 -21.39 -2.43
C GLY A 141 -11.50 -20.12 -1.63
N GLN A 142 -10.96 -19.10 -2.26
CA GLN A 142 -10.73 -17.82 -1.59
C GLN A 142 -12.01 -17.19 -1.07
N PHE A 143 -13.12 -17.38 -1.77
CA PHE A 143 -14.37 -16.81 -1.30
C PHE A 143 -14.77 -17.47 -0.01
N PHE A 144 -14.73 -18.79 0.03
CA PHE A 144 -15.12 -19.49 1.24
C PHE A 144 -14.15 -19.36 2.39
N VAL A 145 -12.87 -19.14 2.07
CA VAL A 145 -11.88 -18.89 3.11
C VAL A 145 -12.24 -17.51 3.67
N ALA A 146 -12.56 -16.59 2.77
CA ALA A 146 -12.94 -15.23 3.15
C ALA A 146 -14.22 -15.23 3.99
N ARG A 147 -15.16 -16.08 3.60
CA ARG A 147 -16.43 -16.18 4.31
C ARG A 147 -16.24 -16.67 5.72
N GLU A 148 -15.40 -17.68 5.88
CA GLU A 148 -15.13 -18.24 7.20
C GLU A 148 -14.28 -17.30 8.04
N ALA A 149 -13.38 -16.58 7.38
CA ALA A 149 -12.50 -15.62 8.06
C ALA A 149 -13.39 -14.58 8.72
N TYR A 150 -14.39 -14.12 7.99
CA TYR A 150 -15.33 -13.12 8.51
C TYR A 150 -15.94 -13.58 9.82
N LYS A 151 -16.52 -14.77 9.80
CA LYS A 151 -17.16 -15.34 10.97
C LYS A 151 -16.27 -15.50 12.19
N HIS A 152 -15.00 -15.84 11.97
CA HIS A 152 -14.07 -16.04 13.09
C HIS A 152 -13.10 -14.93 13.42
N LEU A 153 -13.02 -13.90 12.60
CA LEU A 153 -12.07 -12.83 12.86
C LEU A 153 -12.49 -11.91 14.00
N GLU A 154 -11.49 -11.45 14.74
CA GLU A 154 -11.70 -10.53 15.84
C GLU A 154 -12.19 -9.21 15.28
N ILE A 155 -12.94 -8.45 16.06
CA ILE A 155 -13.40 -7.15 15.58
C ILE A 155 -12.12 -6.37 15.32
N GLY A 156 -11.99 -5.84 14.11
CA GLY A 156 -10.79 -5.09 13.77
C GLY A 156 -9.75 -5.97 13.13
N GLY A 157 -10.17 -7.19 12.74
CA GLY A 157 -9.27 -8.13 12.10
C GLY A 157 -8.85 -7.72 10.71
N ARG A 158 -8.04 -8.55 10.07
CA ARG A 158 -7.53 -8.27 8.74
C ARG A 158 -7.66 -9.46 7.78
N LEU A 159 -8.24 -9.24 6.62
CA LEU A 159 -8.38 -10.27 5.60
C LEU A 159 -7.56 -9.81 4.39
N ILE A 160 -6.62 -10.62 3.96
CA ILE A 160 -5.78 -10.28 2.82
C ILE A 160 -5.88 -11.38 1.76
N LEU A 161 -6.35 -11.01 0.57
CA LEU A 161 -6.54 -11.94 -0.53
C LEU A 161 -5.38 -11.88 -1.50
N MET A 162 -5.02 -13.04 -2.06
CA MET A 162 -3.92 -13.11 -3.00
C MET A 162 -4.40 -13.00 -4.43
N GLY A 163 -3.93 -11.97 -5.13
CA GLY A 163 -4.29 -11.76 -6.52
C GLY A 163 -3.06 -11.92 -7.38
N SER A 164 -2.98 -11.18 -8.47
CA SER A 164 -1.83 -11.28 -9.37
C SER A 164 -1.80 -10.14 -10.37
N ILE A 165 -0.62 -9.89 -10.92
CA ILE A 165 -0.45 -8.82 -11.91
C ILE A 165 -1.28 -9.15 -13.17
N THR A 166 -1.50 -10.44 -13.39
CA THR A 166 -2.26 -10.93 -14.52
C THR A 166 -3.73 -10.52 -14.47
N GLY A 167 -4.19 -10.00 -13.33
CA GLY A 167 -5.57 -9.59 -13.24
C GLY A 167 -5.82 -8.35 -14.10
N GLN A 168 -4.76 -7.59 -14.32
CA GLN A 168 -4.83 -6.37 -15.10
C GLN A 168 -3.88 -6.34 -16.30
N ALA A 169 -3.01 -7.34 -16.40
CA ALA A 169 -2.05 -7.42 -17.49
C ALA A 169 -2.74 -7.32 -18.85
N LYS A 170 -2.02 -6.78 -19.83
CA LYS A 170 -2.55 -6.62 -21.17
C LYS A 170 -1.84 -7.39 -22.26
N ALA A 171 -0.71 -8.00 -21.93
CA ALA A 171 0.04 -8.69 -22.96
C ALA A 171 0.40 -10.16 -22.74
N VAL A 172 -0.24 -10.82 -21.77
CA VAL A 172 0.07 -12.23 -21.54
C VAL A 172 -0.88 -13.10 -22.36
N PRO A 173 -0.34 -13.85 -23.33
CA PRO A 173 -1.15 -14.72 -24.18
C PRO A 173 -1.41 -16.07 -23.50
N LYS A 174 -2.42 -16.79 -23.97
CA LYS A 174 -2.77 -18.10 -23.41
C LYS A 174 -2.82 -18.06 -21.91
N HIS A 175 -3.55 -17.10 -21.35
CA HIS A 175 -3.63 -16.98 -19.92
C HIS A 175 -4.98 -16.50 -19.36
N ALA A 176 -6.06 -16.68 -20.12
CA ALA A 176 -7.40 -16.26 -19.73
C ALA A 176 -8.00 -16.89 -18.45
N VAL A 177 -7.87 -18.20 -18.28
CA VAL A 177 -8.42 -18.87 -17.10
C VAL A 177 -7.78 -18.41 -15.80
N TYR A 178 -6.44 -18.42 -15.77
CA TYR A 178 -5.74 -18.00 -14.57
C TYR A 178 -5.96 -16.50 -14.32
N SER A 179 -5.81 -15.69 -15.36
CA SER A 179 -6.00 -14.26 -15.24
C SER A 179 -7.42 -13.92 -14.75
N GLY A 180 -8.42 -14.61 -15.27
CA GLY A 180 -9.77 -14.35 -14.84
C GLY A 180 -10.02 -14.69 -13.37
N SER A 181 -9.41 -15.76 -12.88
CA SER A 181 -9.57 -16.19 -11.49
C SER A 181 -9.00 -15.20 -10.51
N LYS A 182 -7.91 -14.54 -10.91
CA LYS A 182 -7.26 -13.53 -10.09
C LYS A 182 -7.99 -12.19 -10.24
N GLY A 183 -8.51 -11.93 -11.43
CA GLY A 183 -9.24 -10.69 -11.65
C GLY A 183 -10.45 -10.61 -10.75
N ALA A 184 -11.19 -11.70 -10.63
CA ALA A 184 -12.37 -11.72 -9.80
C ALA A 184 -12.04 -11.43 -8.33
N ILE A 185 -10.82 -11.74 -7.92
CA ILE A 185 -10.40 -11.50 -6.55
C ILE A 185 -10.37 -10.01 -6.23
N GLU A 186 -10.02 -9.20 -7.22
CA GLU A 186 -9.97 -7.75 -7.04
C GLU A 186 -11.36 -7.21 -6.82
N THR A 187 -12.34 -7.79 -7.50
CA THR A 187 -13.71 -7.35 -7.32
C THR A 187 -14.19 -7.83 -5.94
N PHE A 188 -13.85 -9.06 -5.57
CA PHE A 188 -14.24 -9.57 -4.25
C PHE A 188 -13.81 -8.57 -3.17
N ALA A 189 -12.58 -8.07 -3.26
CA ALA A 189 -12.05 -7.10 -2.29
C ALA A 189 -12.94 -5.88 -2.13
N ARG A 190 -13.35 -5.29 -3.25
CA ARG A 190 -14.20 -4.12 -3.19
C ARG A 190 -15.49 -4.38 -2.45
N CYS A 191 -16.18 -5.46 -2.83
CA CYS A 191 -17.46 -5.82 -2.21
C CYS A 191 -17.36 -6.36 -0.78
N MET A 192 -16.37 -7.20 -0.52
CA MET A 192 -16.20 -7.78 0.81
C MET A 192 -15.85 -6.71 1.84
N ALA A 193 -15.21 -5.65 1.39
CA ALA A 193 -14.80 -4.53 2.25
C ALA A 193 -15.98 -3.79 2.87
N ILE A 194 -17.15 -3.94 2.24
CA ILE A 194 -18.38 -3.29 2.69
C ILE A 194 -19.08 -4.17 3.73
N ASP A 195 -19.33 -5.42 3.34
CA ASP A 195 -19.98 -6.39 4.21
C ASP A 195 -19.16 -6.63 5.47
N MET A 196 -17.89 -6.96 5.31
CA MET A 196 -17.04 -7.26 6.45
C MET A 196 -16.69 -6.09 7.35
N ALA A 197 -17.06 -4.89 6.95
CA ALA A 197 -16.78 -3.70 7.74
C ALA A 197 -17.61 -3.63 9.01
N ASP A 198 -18.68 -4.42 9.10
CA ASP A 198 -19.50 -4.39 10.30
C ASP A 198 -18.73 -4.94 11.50
N LYS A 199 -17.62 -5.62 11.24
CA LYS A 199 -16.77 -6.14 12.29
C LYS A 199 -15.41 -5.40 12.26
N LYS A 200 -15.39 -4.26 11.59
CA LYS A 200 -14.19 -3.46 11.45
C LYS A 200 -13.05 -4.19 10.77
N ILE A 201 -13.39 -5.21 9.99
CA ILE A 201 -12.37 -5.96 9.29
C ILE A 201 -12.02 -5.27 7.99
N THR A 202 -10.73 -5.13 7.68
CA THR A 202 -10.37 -4.52 6.42
C THR A 202 -10.06 -5.65 5.43
N VAL A 203 -10.47 -5.49 4.18
CA VAL A 203 -10.21 -6.50 3.14
C VAL A 203 -9.40 -5.86 2.03
N ASN A 204 -8.28 -6.47 1.67
CA ASN A 204 -7.42 -5.93 0.62
C ASN A 204 -6.83 -7.05 -0.20
N VAL A 205 -6.41 -6.72 -1.41
CA VAL A 205 -5.82 -7.69 -2.32
C VAL A 205 -4.40 -7.29 -2.65
N VAL A 206 -3.48 -8.23 -2.49
CA VAL A 206 -2.09 -7.98 -2.84
C VAL A 206 -1.97 -8.57 -4.23
N ALA A 207 -1.36 -7.85 -5.15
CA ALA A 207 -1.22 -8.36 -6.51
C ALA A 207 0.24 -8.40 -6.93
N PRO A 208 0.94 -9.49 -6.60
CA PRO A 208 2.35 -9.68 -6.93
C PRO A 208 2.55 -9.72 -8.44
N GLY A 209 3.80 -9.71 -8.87
CA GLY A 209 4.05 -9.75 -10.29
C GLY A 209 5.26 -10.55 -10.70
N GLY A 210 5.35 -11.80 -10.28
CA GLY A 210 6.51 -12.59 -10.69
C GLY A 210 7.50 -12.68 -9.57
N ILE A 211 7.34 -13.71 -8.75
CA ILE A 211 8.15 -13.96 -7.58
C ILE A 211 8.84 -15.31 -7.70
N LYS A 212 10.12 -15.36 -7.31
CA LYS A 212 10.87 -16.60 -7.39
C LYS A 212 10.39 -17.60 -6.36
N THR A 213 9.63 -18.58 -6.83
CA THR A 213 9.10 -19.64 -5.99
C THR A 213 9.06 -20.86 -6.89
N ASP A 214 8.52 -21.98 -6.39
CA ASP A 214 8.41 -23.20 -7.19
C ASP A 214 7.62 -22.88 -8.45
N MET A 215 6.54 -22.11 -8.30
CA MET A 215 5.70 -21.73 -9.45
C MET A 215 6.56 -21.04 -10.50
N TYR A 216 7.35 -20.08 -10.06
CA TYR A 216 8.23 -19.34 -10.96
C TYR A 216 9.13 -20.30 -11.72
N HIS A 217 9.70 -21.26 -11.02
CA HIS A 217 10.56 -22.23 -11.66
C HIS A 217 9.79 -23.07 -12.68
N ALA A 218 8.54 -23.36 -12.37
CA ALA A 218 7.71 -24.17 -13.24
C ALA A 218 7.22 -23.47 -14.49
N VAL A 219 6.65 -22.27 -14.34
CA VAL A 219 6.07 -21.59 -15.49
C VAL A 219 6.55 -20.23 -15.96
N CYS A 220 7.66 -19.72 -15.43
CA CYS A 220 8.14 -18.40 -15.85
C CYS A 220 8.31 -18.30 -17.37
N ARG A 221 8.88 -19.33 -17.99
CA ARG A 221 9.12 -19.30 -19.44
C ARG A 221 7.87 -19.10 -20.29
N GLU A 222 6.71 -19.43 -19.73
CA GLU A 222 5.45 -19.27 -20.43
C GLU A 222 5.11 -17.79 -20.56
N TYR A 223 5.82 -16.94 -19.83
CA TYR A 223 5.58 -15.50 -19.89
C TYR A 223 6.57 -14.82 -20.81
N ILE A 224 7.70 -15.50 -21.06
CA ILE A 224 8.75 -14.95 -21.90
C ILE A 224 8.62 -15.38 -23.36
N PRO A 225 8.40 -14.40 -24.25
CA PRO A 225 8.27 -14.68 -25.69
C PRO A 225 9.51 -15.46 -26.12
N ASN A 226 9.29 -16.68 -26.62
CA ASN A 226 10.39 -17.53 -27.08
C ASN A 226 11.37 -17.76 -25.93
N GLY A 227 10.92 -18.45 -24.89
CA GLY A 227 11.79 -18.68 -23.74
C GLY A 227 12.06 -20.14 -23.39
N GLU A 228 11.58 -21.05 -24.23
CA GLU A 228 11.77 -22.49 -24.02
C GLU A 228 13.25 -22.79 -23.78
N ASN A 229 14.09 -22.07 -24.52
CA ASN A 229 15.52 -22.24 -24.46
C ASN A 229 16.25 -21.57 -23.29
N LEU A 230 15.67 -20.52 -22.73
CA LEU A 230 16.31 -19.78 -21.65
C LEU A 230 16.82 -20.64 -20.51
N SER A 231 18.04 -20.38 -20.07
CA SER A 231 18.58 -21.13 -18.93
C SER A 231 18.01 -20.43 -17.71
N ASN A 232 18.07 -21.09 -16.55
CA ASN A 232 17.59 -20.47 -15.34
C ASN A 232 18.11 -19.05 -15.14
N GLU A 233 19.43 -18.86 -15.20
CA GLU A 233 19.97 -17.52 -15.04
C GLU A 233 19.45 -16.56 -16.12
N GLU A 234 19.25 -17.08 -17.34
CA GLU A 234 18.74 -16.22 -18.43
C GLU A 234 17.31 -15.74 -18.13
N VAL A 235 16.52 -16.61 -17.51
CA VAL A 235 15.13 -16.28 -17.15
C VAL A 235 15.17 -15.13 -16.14
N ASP A 236 16.01 -15.28 -15.12
CA ASP A 236 16.14 -14.24 -14.11
C ASP A 236 16.62 -12.94 -14.73
N GLU A 237 17.51 -13.03 -15.70
CA GLU A 237 18.01 -11.84 -16.35
C GLU A 237 16.86 -11.14 -17.05
N TYR A 238 16.03 -11.91 -17.75
CA TYR A 238 14.88 -11.36 -18.47
C TYR A 238 13.93 -10.71 -17.47
N ALA A 239 13.53 -11.49 -16.47
CA ALA A 239 12.63 -11.04 -15.42
C ALA A 239 13.09 -9.70 -14.83
N ALA A 240 14.35 -9.66 -14.41
CA ALA A 240 14.93 -8.48 -13.80
C ALA A 240 14.92 -7.26 -14.69
N VAL A 241 15.28 -7.47 -15.95
CA VAL A 241 15.35 -6.34 -16.87
C VAL A 241 14.04 -5.95 -17.54
N GLN A 242 13.34 -6.92 -18.11
CA GLN A 242 12.08 -6.62 -18.79
C GLN A 242 10.94 -6.24 -17.84
N TRP A 243 10.89 -6.86 -16.67
CA TRP A 243 9.78 -6.57 -15.78
C TRP A 243 9.92 -5.55 -14.66
N SER A 244 11.05 -4.84 -14.61
CA SER A 244 11.22 -3.84 -13.55
C SER A 244 12.29 -2.82 -13.80
N PRO A 245 11.95 -1.54 -13.63
CA PRO A 245 12.93 -0.47 -13.83
C PRO A 245 13.99 -0.63 -12.73
N LEU A 246 13.62 -1.28 -11.63
CA LEU A 246 14.52 -1.49 -10.50
C LEU A 246 15.55 -2.59 -10.78
N ARG A 247 15.43 -3.21 -11.94
CA ARG A 247 16.35 -4.25 -12.38
C ARG A 247 16.72 -5.36 -11.42
N ARG A 248 15.71 -6.12 -10.99
CA ARG A 248 15.92 -7.25 -10.10
C ARG A 248 14.66 -8.10 -10.05
N VAL A 249 14.85 -9.36 -9.70
CA VAL A 249 13.73 -10.29 -9.62
C VAL A 249 13.07 -10.15 -8.26
N GLY A 250 11.75 -10.23 -8.23
CA GLY A 250 11.05 -10.12 -6.97
C GLY A 250 11.15 -11.39 -6.17
N LEU A 251 11.17 -11.24 -4.85
CA LEU A 251 11.28 -12.38 -3.94
C LEU A 251 10.07 -12.41 -3.01
N PRO A 252 9.75 -13.59 -2.44
CA PRO A 252 8.61 -13.70 -1.53
C PRO A 252 8.64 -12.67 -0.41
N ILE A 253 9.83 -12.33 0.07
CA ILE A 253 9.94 -11.36 1.15
C ILE A 253 9.36 -9.99 0.74
N ASP A 254 9.35 -9.71 -0.56
CA ASP A 254 8.82 -8.46 -1.07
C ASP A 254 7.32 -8.35 -0.84
N ILE A 255 6.62 -9.50 -0.92
CA ILE A 255 5.18 -9.53 -0.71
C ILE A 255 4.93 -9.58 0.79
N ALA A 256 5.70 -10.43 1.48
CA ALA A 256 5.60 -10.61 2.92
C ALA A 256 5.67 -9.30 3.69
N ARG A 257 6.51 -8.38 3.24
CA ARG A 257 6.66 -7.10 3.91
C ARG A 257 5.41 -6.23 3.79
N VAL A 258 4.81 -6.20 2.61
CA VAL A 258 3.60 -5.42 2.36
C VAL A 258 2.43 -6.04 3.14
N VAL A 259 2.38 -7.37 3.17
CA VAL A 259 1.33 -8.08 3.90
C VAL A 259 1.36 -7.70 5.38
N CYS A 260 2.55 -7.50 5.95
CA CYS A 260 2.65 -7.12 7.35
C CYS A 260 2.13 -5.71 7.58
N PHE A 261 2.31 -4.84 6.58
CA PHE A 261 1.84 -3.47 6.66
C PHE A 261 0.32 -3.48 6.72
N LEU A 262 -0.31 -4.18 5.78
CA LEU A 262 -1.76 -4.24 5.75
C LEU A 262 -2.32 -4.84 7.03
N ALA A 263 -1.64 -5.84 7.58
CA ALA A 263 -2.07 -6.52 8.80
C ALA A 263 -1.91 -5.71 10.09
N SER A 264 -1.07 -4.68 10.05
CA SER A 264 -0.82 -3.84 11.22
C SER A 264 -1.80 -2.68 11.35
N ASN A 265 -1.59 -1.83 12.35
CA ASN A 265 -2.45 -0.68 12.58
C ASN A 265 -2.30 0.31 11.44
N ASP A 266 -1.12 0.29 10.81
CA ASP A 266 -0.83 1.19 9.69
C ASP A 266 -1.81 0.98 8.54
N GLY A 267 -2.29 -0.24 8.37
CA GLY A 267 -3.21 -0.47 7.27
C GLY A 267 -4.68 -0.30 7.61
N GLY A 268 -4.97 0.27 8.78
CA GLY A 268 -6.35 0.44 9.21
C GLY A 268 -7.28 1.23 8.31
N TRP A 269 -6.74 2.20 7.58
CA TRP A 269 -7.53 3.02 6.70
C TRP A 269 -7.36 2.59 5.24
N VAL A 270 -6.71 1.46 5.00
CA VAL A 270 -6.53 0.95 3.66
C VAL A 270 -7.45 -0.26 3.60
N THR A 271 -8.54 -0.16 2.85
CA THR A 271 -9.47 -1.28 2.73
C THR A 271 -10.13 -1.24 1.35
N GLY A 272 -10.49 -2.40 0.84
CA GLY A 272 -11.11 -2.48 -0.47
C GLY A 272 -10.15 -2.13 -1.60
N LYS A 273 -8.86 -2.26 -1.34
CA LYS A 273 -7.87 -1.92 -2.35
C LYS A 273 -7.03 -3.06 -2.89
N VAL A 274 -6.39 -2.82 -4.02
CA VAL A 274 -5.51 -3.78 -4.68
C VAL A 274 -4.12 -3.15 -4.65
N ILE A 275 -3.21 -3.74 -3.89
CA ILE A 275 -1.86 -3.20 -3.80
C ILE A 275 -1.01 -4.00 -4.77
N GLY A 276 -0.55 -3.35 -5.84
CA GLY A 276 0.27 -4.03 -6.82
C GLY A 276 1.69 -4.10 -6.32
N ILE A 277 2.22 -5.30 -6.13
CA ILE A 277 3.58 -5.44 -5.65
C ILE A 277 4.52 -6.02 -6.70
N ASP A 278 4.83 -5.20 -7.68
CA ASP A 278 5.74 -5.54 -8.77
C ASP A 278 6.82 -4.47 -8.72
N GLY A 279 7.95 -4.67 -9.38
CA GLY A 279 8.96 -3.62 -9.31
C GLY A 279 8.64 -2.54 -10.31
N GLY A 280 7.35 -2.24 -10.46
CA GLY A 280 6.91 -1.26 -11.42
C GLY A 280 6.71 -1.92 -12.78
N ALA A 281 6.44 -3.23 -12.75
CA ALA A 281 6.25 -4.05 -13.95
C ALA A 281 5.10 -3.66 -14.86
N CYS A 282 5.24 -4.03 -16.13
CA CYS A 282 4.23 -3.77 -17.14
C CYS A 282 4.06 -5.04 -17.96
N MET A 283 2.97 -5.77 -17.71
CA MET A 283 2.68 -7.02 -18.40
C MET A 283 1.36 -7.02 -19.17
N ASP B 14 18.04 -15.71 -4.76
CA ASP B 14 18.69 -14.37 -4.87
C ASP B 14 18.84 -13.72 -3.51
N ALA B 15 19.60 -12.63 -3.46
CA ALA B 15 19.85 -11.92 -2.22
C ALA B 15 18.62 -11.19 -1.69
N ILE B 16 18.41 -11.28 -0.38
CA ILE B 16 17.29 -10.63 0.29
C ILE B 16 17.58 -9.15 0.38
N PRO B 17 16.63 -8.32 -0.06
CA PRO B 17 16.78 -6.87 -0.03
C PRO B 17 16.43 -6.30 1.36
N GLY B 18 17.44 -6.05 2.17
CA GLY B 18 17.20 -5.50 3.49
C GLY B 18 17.02 -6.54 4.57
N PRO B 19 16.93 -6.11 5.84
CA PRO B 19 16.77 -6.99 7.00
C PRO B 19 15.42 -7.68 7.05
N LEU B 20 15.39 -8.85 7.69
CA LEU B 20 14.16 -9.60 7.89
C LEU B 20 13.64 -9.15 9.26
N GLY B 21 12.34 -9.21 9.49
CA GLY B 21 11.79 -8.80 10.78
C GLY B 21 11.40 -7.33 10.89
N PRO B 22 10.91 -6.89 12.05
CA PRO B 22 10.46 -5.52 12.36
C PRO B 22 11.46 -4.43 11.97
N GLN B 23 12.73 -4.79 11.94
CA GLN B 23 13.80 -3.86 11.59
C GLN B 23 13.61 -3.31 10.18
N SER B 24 12.76 -3.94 9.40
CA SER B 24 12.52 -3.50 8.03
C SER B 24 11.59 -2.29 7.97
N ALA B 25 10.93 -2.00 9.08
CA ALA B 25 10.01 -0.88 9.12
C ALA B 25 10.64 0.35 9.77
N SER B 26 11.91 0.22 10.13
CA SER B 26 12.64 1.31 10.80
C SER B 26 13.03 2.47 9.87
N LEU B 27 12.74 3.69 10.31
CA LEU B 27 13.08 4.86 9.54
C LEU B 27 14.22 5.61 10.21
N GLU B 28 14.73 5.02 11.28
CA GLU B 28 15.81 5.59 12.06
C GLU B 28 17.06 5.89 11.24
N GLY B 29 17.50 7.14 11.29
CA GLY B 29 18.68 7.55 10.55
C GLY B 29 18.41 8.03 9.13
N LYS B 30 17.14 8.25 8.82
CA LYS B 30 16.74 8.70 7.49
C LYS B 30 16.47 10.19 7.58
N VAL B 31 16.80 10.93 6.54
CA VAL B 31 16.53 12.36 6.53
C VAL B 31 15.40 12.54 5.52
N ALA B 32 14.34 13.23 5.93
CA ALA B 32 13.20 13.43 5.06
C ALA B 32 12.86 14.88 4.92
N LEU B 33 12.28 15.22 3.78
CA LEU B 33 11.88 16.59 3.49
C LEU B 33 10.39 16.53 3.21
N VAL B 34 9.59 17.30 3.93
CA VAL B 34 8.15 17.31 3.70
C VAL B 34 7.73 18.74 3.31
N THR B 35 7.14 18.91 2.13
CA THR B 35 6.72 20.23 1.71
C THR B 35 5.37 20.57 2.33
N GLY B 36 5.20 21.83 2.70
CA GLY B 36 3.95 22.23 3.33
C GLY B 36 3.70 21.47 4.62
N ALA B 37 4.70 21.45 5.50
CA ALA B 37 4.63 20.73 6.78
C ALA B 37 4.29 21.57 8.02
N GLY B 38 3.81 22.78 7.82
CA GLY B 38 3.43 23.61 8.96
C GLY B 38 2.04 23.25 9.49
N ARG B 39 1.21 22.64 8.66
CA ARG B 39 -0.13 22.27 9.12
C ARG B 39 -0.75 21.14 8.31
N GLY B 40 -2.00 20.82 8.63
CA GLY B 40 -2.72 19.75 7.94
C GLY B 40 -2.06 18.40 7.97
N ILE B 41 -2.24 17.66 6.88
CA ILE B 41 -1.67 16.32 6.72
C ILE B 41 -0.15 16.36 6.76
N GLY B 42 0.42 17.37 6.14
CA GLY B 42 1.86 17.51 6.09
C GLY B 42 2.51 17.59 7.46
N ARG B 43 1.92 18.38 8.36
CA ARG B 43 2.47 18.53 9.71
C ARG B 43 2.55 17.17 10.37
N GLU B 44 1.48 16.39 10.26
CA GLU B 44 1.41 15.07 10.85
C GLU B 44 2.36 14.09 10.17
N MET B 45 2.63 14.33 8.90
CA MET B 45 3.54 13.49 8.14
C MET B 45 4.93 13.66 8.72
N ALA B 46 5.33 14.90 8.98
CA ALA B 46 6.66 15.19 9.54
C ALA B 46 6.75 14.68 10.97
N MET B 47 5.69 14.90 11.74
CA MET B 47 5.62 14.45 13.13
C MET B 47 5.82 12.95 13.20
N GLU B 48 4.98 12.20 12.48
CA GLU B 48 5.07 10.75 12.48
C GLU B 48 6.40 10.25 11.94
N LEU B 49 6.87 10.83 10.84
CA LEU B 49 8.15 10.42 10.30
C LEU B 49 9.21 10.55 11.38
N GLY B 50 9.18 11.66 12.11
CA GLY B 50 10.12 11.89 13.18
C GLY B 50 9.99 10.87 14.29
N ARG B 51 8.75 10.56 14.67
CA ARG B 51 8.50 9.58 15.74
C ARG B 51 9.12 8.23 15.40
N ARG B 52 9.25 7.94 14.11
CA ARG B 52 9.84 6.67 13.69
C ARG B 52 11.35 6.82 13.49
N GLY B 53 11.92 7.87 14.08
CA GLY B 53 13.35 8.08 14.01
C GLY B 53 13.91 8.81 12.80
N CYS B 54 13.12 9.68 12.22
CA CYS B 54 13.56 10.41 11.04
C CYS B 54 13.95 11.83 11.38
N LYS B 55 14.88 12.38 10.61
CA LYS B 55 15.27 13.77 10.79
C LYS B 55 14.40 14.44 9.76
N VAL B 56 13.53 15.33 10.20
CA VAL B 56 12.60 15.98 9.30
C VAL B 56 12.94 17.43 8.99
N ILE B 57 12.82 17.80 7.71
CA ILE B 57 13.07 19.17 7.27
C ILE B 57 11.68 19.65 6.90
N VAL B 58 11.09 20.55 7.69
CA VAL B 58 9.74 21.00 7.38
C VAL B 58 9.75 22.23 6.49
N ASN B 59 9.17 22.10 5.30
CA ASN B 59 9.11 23.23 4.38
C ASN B 59 7.80 23.94 4.65
N TYR B 60 7.78 25.23 4.35
CA TYR B 60 6.59 26.03 4.55
C TYR B 60 6.63 27.18 3.56
N ALA B 61 5.46 27.77 3.34
CA ALA B 61 5.31 28.89 2.43
C ALA B 61 4.96 30.17 3.19
N ASN B 62 3.95 30.06 4.05
CA ASN B 62 3.49 31.21 4.83
C ASN B 62 3.43 30.97 6.34
N SER B 63 3.00 29.78 6.74
CA SER B 63 2.86 29.42 8.15
C SER B 63 4.16 29.29 8.98
N THR B 64 4.99 30.33 8.97
CA THR B 64 6.25 30.31 9.73
C THR B 64 6.07 29.86 11.17
N GLU B 65 5.18 30.54 11.89
CA GLU B 65 4.91 30.22 13.28
C GLU B 65 4.67 28.72 13.45
N SER B 66 3.67 28.22 12.71
CA SER B 66 3.29 26.81 12.74
C SER B 66 4.49 25.95 12.40
N ALA B 67 5.24 26.40 11.40
CA ALA B 67 6.42 25.68 10.96
C ALA B 67 7.32 25.49 12.15
N GLU B 68 7.80 26.59 12.72
CA GLU B 68 8.68 26.55 13.87
C GLU B 68 8.13 25.68 14.99
N GLU B 69 6.84 25.81 15.23
CA GLU B 69 6.20 25.03 16.28
C GLU B 69 6.41 23.54 16.03
N VAL B 70 6.25 23.12 14.79
CA VAL B 70 6.41 21.72 14.42
C VAL B 70 7.86 21.29 14.66
N VAL B 71 8.80 22.12 14.27
CA VAL B 71 10.21 21.79 14.46
C VAL B 71 10.52 21.56 15.94
N ALA B 72 9.95 22.39 16.81
CA ALA B 72 10.16 22.28 18.25
C ALA B 72 9.62 20.94 18.72
N ALA B 73 8.43 20.60 18.25
CA ALA B 73 7.77 19.37 18.59
C ALA B 73 8.58 18.14 18.25
N ILE B 74 9.07 18.07 17.02
CA ILE B 74 9.86 16.91 16.60
C ILE B 74 11.08 16.71 17.48
N LYS B 75 11.74 17.80 17.84
CA LYS B 75 12.91 17.71 18.71
C LYS B 75 12.47 17.21 20.06
N LYS B 76 11.39 17.81 20.59
CA LYS B 76 10.88 17.41 21.89
C LYS B 76 10.58 15.92 21.92
N ASN B 77 10.26 15.35 20.76
CA ASN B 77 9.97 13.93 20.64
C ASN B 77 11.22 13.06 20.50
N GLY B 78 12.37 13.69 20.35
CA GLY B 78 13.60 12.92 20.24
C GLY B 78 14.29 12.89 18.90
N SER B 79 13.84 13.69 17.95
CA SER B 79 14.49 13.72 16.65
C SER B 79 14.89 15.13 16.30
N ASP B 80 15.83 15.24 15.39
CA ASP B 80 16.33 16.53 14.95
C ASP B 80 15.47 16.98 13.77
N ALA B 81 15.25 18.28 13.65
CA ALA B 81 14.45 18.81 12.58
C ALA B 81 14.90 20.23 12.32
N ALA B 82 14.48 20.79 11.19
CA ALA B 82 14.84 22.15 10.82
C ALA B 82 13.78 22.54 9.81
N CYS B 83 13.61 23.83 9.54
CA CYS B 83 12.59 24.21 8.58
C CYS B 83 13.16 25.10 7.50
N VAL B 84 12.61 24.97 6.30
CA VAL B 84 13.07 25.75 5.15
C VAL B 84 11.86 26.39 4.50
N LYS B 85 12.00 27.63 4.08
CA LYS B 85 10.91 28.35 3.45
C LYS B 85 11.06 28.29 1.94
N ALA B 86 9.96 28.04 1.25
CA ALA B 86 9.97 27.96 -0.21
C ALA B 86 8.55 27.88 -0.76
N ASN B 87 8.32 28.60 -1.85
CA ASN B 87 7.03 28.60 -2.50
C ASN B 87 7.13 27.65 -3.69
N VAL B 88 6.52 26.49 -3.54
CA VAL B 88 6.52 25.47 -4.56
C VAL B 88 6.02 25.94 -5.93
N GLY B 89 5.36 27.09 -5.97
CA GLY B 89 4.88 27.60 -7.25
C GLY B 89 5.96 28.37 -7.98
N VAL B 90 7.14 28.44 -7.38
CA VAL B 90 8.27 29.17 -7.94
C VAL B 90 9.45 28.22 -8.05
N VAL B 91 9.74 27.74 -9.26
CA VAL B 91 10.83 26.81 -9.50
C VAL B 91 12.17 27.19 -8.85
N GLU B 92 12.51 28.48 -8.86
CA GLU B 92 13.75 28.90 -8.22
C GLU B 92 13.75 28.60 -6.71
N ASP B 93 12.60 28.74 -6.07
CA ASP B 93 12.46 28.47 -4.64
C ASP B 93 12.68 27.01 -4.34
N ILE B 94 12.19 26.14 -5.22
CA ILE B 94 12.34 24.68 -5.06
C ILE B 94 13.81 24.32 -5.20
N VAL B 95 14.46 24.87 -6.22
CA VAL B 95 15.87 24.61 -6.47
C VAL B 95 16.70 24.98 -5.26
N ARG B 96 16.39 26.12 -4.67
CA ARG B 96 17.11 26.60 -3.50
C ARG B 96 16.83 25.72 -2.28
N MET B 97 15.56 25.39 -2.08
CA MET B 97 15.13 24.57 -0.94
C MET B 97 15.93 23.26 -0.83
N PHE B 98 16.23 22.65 -1.97
CA PHE B 98 16.98 21.41 -1.98
C PHE B 98 18.47 21.59 -1.76
N GLU B 99 19.01 22.71 -2.22
CA GLU B 99 20.44 22.97 -2.03
C GLU B 99 20.72 23.22 -0.55
N GLU B 100 19.77 23.84 0.13
CA GLU B 100 19.92 24.10 1.55
C GLU B 100 19.64 22.83 2.31
N ALA B 101 18.56 22.15 1.93
CA ALA B 101 18.14 20.91 2.58
C ALA B 101 19.29 19.92 2.74
N VAL B 102 20.00 19.66 1.65
CA VAL B 102 21.11 18.71 1.66
C VAL B 102 22.20 19.09 2.66
N LYS B 103 22.50 20.38 2.79
CA LYS B 103 23.53 20.82 3.70
C LYS B 103 23.14 20.71 5.17
N ILE B 104 21.85 20.84 5.46
CA ILE B 104 21.38 20.78 6.84
C ILE B 104 21.77 19.49 7.57
N PHE B 105 21.30 18.35 7.08
CA PHE B 105 21.63 17.09 7.73
C PHE B 105 22.60 16.25 6.92
N GLY B 106 23.11 16.81 5.83
CA GLY B 106 24.08 16.09 5.04
C GLY B 106 23.57 15.25 3.88
N LYS B 107 22.38 14.68 3.99
CA LYS B 107 21.83 13.84 2.93
C LYS B 107 20.31 13.93 2.90
N LEU B 108 19.70 13.32 1.90
CA LEU B 108 18.24 13.33 1.77
C LEU B 108 17.76 11.96 1.33
N ASP B 109 17.02 11.29 2.19
CA ASP B 109 16.51 9.95 1.90
C ASP B 109 15.07 9.89 1.40
N ILE B 110 14.20 10.69 2.00
CA ILE B 110 12.77 10.67 1.66
C ILE B 110 12.24 12.06 1.35
N VAL B 111 11.37 12.16 0.36
CA VAL B 111 10.77 13.44 0.01
C VAL B 111 9.28 13.19 -0.07
N CYS B 112 8.50 14.05 0.59
CA CYS B 112 7.06 13.92 0.57
C CYS B 112 6.52 15.21 -0.01
N SER B 113 6.04 15.13 -1.24
CA SER B 113 5.48 16.27 -1.93
C SER B 113 4.04 16.37 -1.46
N ASN B 114 3.80 17.20 -0.45
CA ASN B 114 2.48 17.34 0.15
C ASN B 114 1.65 18.58 -0.24
N SER B 115 2.28 19.76 -0.26
CA SER B 115 1.61 21.00 -0.57
C SER B 115 0.57 20.92 -1.67
N GLY B 116 -0.54 21.64 -1.50
CA GLY B 116 -1.59 21.64 -2.50
C GLY B 116 -2.69 22.63 -2.16
N VAL B 117 -3.57 22.92 -3.12
CA VAL B 117 -4.69 23.84 -2.91
C VAL B 117 -5.96 23.30 -3.55
N VAL B 118 -7.13 23.64 -3.01
CA VAL B 118 -8.40 23.17 -3.57
C VAL B 118 -9.10 24.24 -4.37
N SER B 119 -10.15 23.86 -5.06
CA SER B 119 -10.88 24.80 -5.87
C SER B 119 -12.20 24.14 -6.24
N PHE B 120 -13.26 24.94 -6.37
CA PHE B 120 -14.58 24.45 -6.75
C PHE B 120 -15.22 25.42 -7.71
N GLY B 121 -16.04 24.92 -8.62
CA GLY B 121 -16.71 25.77 -9.58
C GLY B 121 -17.16 25.01 -10.80
N HIS B 122 -18.32 25.38 -11.36
CA HIS B 122 -18.81 24.72 -12.56
C HIS B 122 -17.81 25.08 -13.65
N VAL B 123 -17.61 24.18 -14.62
CA VAL B 123 -16.67 24.40 -15.71
C VAL B 123 -16.83 25.79 -16.31
N LYS B 124 -18.07 26.13 -16.64
CA LYS B 124 -18.38 27.42 -17.25
C LYS B 124 -17.90 28.66 -16.49
N ASP B 125 -17.54 28.52 -15.24
CA ASP B 125 -17.11 29.66 -14.44
C ASP B 125 -15.61 29.67 -14.11
N VAL B 126 -14.86 28.75 -14.71
CA VAL B 126 -13.43 28.69 -14.42
C VAL B 126 -12.72 29.74 -15.23
N THR B 127 -11.85 30.52 -14.59
CA THR B 127 -11.10 31.57 -15.26
C THR B 127 -9.67 31.08 -15.44
N PRO B 128 -8.98 31.55 -16.50
CA PRO B 128 -7.60 31.14 -16.74
C PRO B 128 -6.73 31.38 -15.51
N GLU B 129 -7.03 32.45 -14.78
CA GLU B 129 -6.27 32.80 -13.58
C GLU B 129 -6.42 31.75 -12.49
N GLU B 130 -7.65 31.30 -12.23
CA GLU B 130 -7.88 30.29 -11.20
C GLU B 130 -7.41 28.91 -11.63
N PHE B 131 -7.39 28.64 -12.93
CA PHE B 131 -6.91 27.36 -13.45
C PHE B 131 -5.42 27.29 -13.24
N ASP B 132 -4.71 28.35 -13.60
CA ASP B 132 -3.27 28.41 -13.43
C ASP B 132 -2.87 28.42 -11.96
N ARG B 133 -3.72 29.00 -11.12
CA ARG B 133 -3.44 29.09 -9.69
C ARG B 133 -3.29 27.69 -9.10
N VAL B 134 -4.30 26.84 -9.37
CA VAL B 134 -4.32 25.48 -8.88
C VAL B 134 -3.28 24.57 -9.54
N PHE B 135 -3.24 24.55 -10.86
CA PHE B 135 -2.29 23.71 -11.57
C PHE B 135 -0.82 24.02 -11.27
N THR B 136 -0.51 25.30 -11.05
CA THR B 136 0.84 25.73 -10.75
C THR B 136 1.41 25.16 -9.45
N ILE B 137 0.56 25.00 -8.44
CA ILE B 137 1.00 24.45 -7.16
C ILE B 137 0.83 22.93 -7.16
N ASN B 138 -0.40 22.49 -7.41
CA ASN B 138 -0.76 21.07 -7.43
C ASN B 138 -0.03 20.19 -8.43
N THR B 139 0.11 20.64 -9.66
CA THR B 139 0.75 19.80 -10.67
C THR B 139 2.16 20.19 -11.03
N ARG B 140 2.34 21.42 -11.47
CA ARG B 140 3.66 21.92 -11.87
C ARG B 140 4.65 21.94 -10.70
N GLY B 141 4.19 22.37 -9.53
CA GLY B 141 5.04 22.42 -8.37
C GLY B 141 5.56 21.04 -8.02
N GLN B 142 4.66 20.06 -7.96
CA GLN B 142 5.03 18.69 -7.65
C GLN B 142 6.00 18.10 -8.64
N PHE B 143 5.90 18.49 -9.91
CA PHE B 143 6.82 17.96 -10.91
C PHE B 143 8.21 18.45 -10.61
N PHE B 144 8.34 19.74 -10.37
CA PHE B 144 9.66 20.30 -10.10
C PHE B 144 10.23 19.92 -8.75
N VAL B 145 9.37 19.62 -7.78
CA VAL B 145 9.82 19.16 -6.48
C VAL B 145 10.35 17.74 -6.76
N ALA B 146 9.61 16.99 -7.56
CA ALA B 146 9.99 15.63 -7.92
C ALA B 146 11.30 15.61 -8.69
N ARG B 147 11.46 16.58 -9.59
CA ARG B 147 12.67 16.69 -10.40
C ARG B 147 13.88 16.94 -9.54
N GLU B 148 13.75 17.85 -8.58
CA GLU B 148 14.86 18.19 -7.70
C GLU B 148 15.13 17.07 -6.70
N ALA B 149 14.07 16.37 -6.29
CA ALA B 149 14.19 15.27 -5.35
C ALA B 149 15.08 14.21 -6.00
N TYR B 150 14.83 13.94 -7.27
CA TYR B 150 15.62 12.96 -8.02
C TYR B 150 17.10 13.27 -7.93
N LYS B 151 17.46 14.50 -8.28
CA LYS B 151 18.84 14.94 -8.28
C LYS B 151 19.53 14.84 -6.93
N HIS B 152 18.80 15.10 -5.85
CA HIS B 152 19.40 15.06 -4.51
C HIS B 152 19.15 13.83 -3.65
N LEU B 153 18.29 12.93 -4.09
CA LEU B 153 18.01 11.77 -3.28
C LEU B 153 19.12 10.73 -3.28
N GLU B 154 19.28 10.08 -2.14
CA GLU B 154 20.27 9.04 -1.98
C GLU B 154 19.86 7.85 -2.84
N ILE B 155 20.82 7.05 -3.28
CA ILE B 155 20.48 5.88 -4.08
C ILE B 155 19.60 5.04 -3.16
N GLY B 156 18.41 4.69 -3.64
CA GLY B 156 17.51 3.90 -2.82
C GLY B 156 16.55 4.78 -2.05
N GLY B 157 16.51 6.06 -2.42
CA GLY B 157 15.63 7.01 -1.77
C GLY B 157 14.16 6.77 -2.06
N ARG B 158 13.31 7.62 -1.49
CA ARG B 158 11.87 7.50 -1.65
C ARG B 158 11.20 8.83 -2.01
N LEU B 159 10.39 8.81 -3.08
CA LEU B 159 9.66 10.00 -3.49
C LEU B 159 8.17 9.66 -3.35
N ILE B 160 7.44 10.44 -2.59
CA ILE B 160 6.02 10.20 -2.38
C ILE B 160 5.23 11.45 -2.79
N LEU B 161 4.35 11.30 -3.77
CA LEU B 161 3.53 12.39 -4.29
C LEU B 161 2.14 12.39 -3.68
N MET B 162 1.60 13.56 -3.44
CA MET B 162 0.27 13.69 -2.86
C MET B 162 -0.79 13.84 -3.92
N GLY B 163 -1.71 12.88 -3.95
CA GLY B 163 -2.81 12.89 -4.90
C GLY B 163 -4.12 13.09 -4.16
N SER B 164 -5.19 12.51 -4.66
CA SER B 164 -6.50 12.64 -4.01
C SER B 164 -7.51 11.66 -4.58
N ILE B 165 -8.56 11.40 -3.80
CA ILE B 165 -9.60 10.49 -4.23
C ILE B 165 -10.31 11.06 -5.46
N THR B 166 -10.30 12.39 -5.58
CA THR B 166 -10.92 13.09 -6.68
C THR B 166 -10.25 12.80 -8.02
N GLY B 167 -9.09 12.17 -8.01
CA GLY B 167 -8.42 11.85 -9.27
C GLY B 167 -9.19 10.80 -10.03
N GLN B 168 -9.94 9.99 -9.28
CA GLN B 168 -10.71 8.90 -9.86
C GLN B 168 -12.20 8.97 -9.53
N ALA B 169 -12.59 9.89 -8.66
CA ALA B 169 -13.99 10.05 -8.27
C ALA B 169 -14.89 10.21 -9.49
N LYS B 170 -16.14 9.77 -9.34
CA LYS B 170 -17.10 9.83 -10.43
C LYS B 170 -18.32 10.71 -10.15
N ALA B 171 -18.48 11.17 -8.91
CA ALA B 171 -19.66 11.93 -8.60
C ALA B 171 -19.49 13.32 -7.98
N VAL B 172 -18.28 13.88 -8.04
CA VAL B 172 -18.08 15.20 -7.46
C VAL B 172 -18.29 16.27 -8.54
N PRO B 173 -19.33 17.11 -8.38
CA PRO B 173 -19.64 18.16 -9.34
C PRO B 173 -18.79 19.41 -9.10
N LYS B 174 -18.69 20.27 -10.10
CA LYS B 174 -17.91 21.51 -9.98
C LYS B 174 -16.56 21.25 -9.38
N HIS B 175 -15.83 20.29 -9.93
CA HIS B 175 -14.53 19.96 -9.39
C HIS B 175 -13.48 19.53 -10.42
N ALA B 176 -13.66 19.90 -11.69
CA ALA B 176 -12.74 19.55 -12.76
C ALA B 176 -11.28 20.02 -12.65
N VAL B 177 -11.06 21.27 -12.28
CA VAL B 177 -9.70 21.82 -12.17
C VAL B 177 -8.87 21.12 -11.10
N TYR B 178 -9.44 21.00 -9.90
CA TYR B 178 -8.74 20.35 -8.81
C TYR B 178 -8.55 18.86 -9.11
N SER B 179 -9.62 18.21 -9.54
CA SER B 179 -9.56 16.79 -9.86
C SER B 179 -8.53 16.49 -10.95
N GLY B 180 -8.47 17.35 -11.97
CA GLY B 180 -7.50 17.14 -13.03
C GLY B 180 -6.06 17.27 -12.57
N SER B 181 -5.80 18.21 -11.65
CA SER B 181 -4.45 18.45 -11.14
C SER B 181 -3.93 17.27 -10.33
N LYS B 182 -4.83 16.60 -9.64
CA LYS B 182 -4.49 15.43 -8.84
C LYS B 182 -4.42 14.19 -9.75
N GLY B 183 -5.27 14.14 -10.77
CA GLY B 183 -5.26 13.02 -11.68
C GLY B 183 -3.92 12.90 -12.37
N ALA B 184 -3.39 14.03 -12.82
CA ALA B 184 -2.11 14.02 -13.52
C ALA B 184 -0.99 13.50 -12.64
N ILE B 185 -1.14 13.63 -11.33
CA ILE B 185 -0.13 13.17 -10.40
C ILE B 185 0.00 11.64 -10.44
N GLU B 186 -1.11 10.96 -10.66
CA GLU B 186 -1.12 9.51 -10.74
C GLU B 186 -0.34 9.05 -11.96
N THR B 187 -0.45 9.81 -13.05
CA THR B 187 0.28 9.46 -14.25
C THR B 187 1.76 9.78 -14.01
N PHE B 188 2.06 10.90 -13.37
CA PHE B 188 3.45 11.25 -13.07
C PHE B 188 4.12 10.07 -12.37
N ALA B 189 3.44 9.48 -11.37
CA ALA B 189 3.99 8.35 -10.63
C ALA B 189 4.40 7.19 -11.52
N ARG B 190 3.54 6.81 -12.46
CA ARG B 190 3.87 5.71 -13.35
C ARG B 190 5.12 5.97 -14.15
N CYS B 191 5.20 7.15 -14.76
CA CYS B 191 6.35 7.52 -15.59
C CYS B 191 7.63 7.83 -14.81
N MET B 192 7.51 8.53 -13.69
CA MET B 192 8.66 8.89 -12.89
C MET B 192 9.32 7.66 -12.27
N ALA B 193 8.53 6.63 -12.04
CA ALA B 193 9.02 5.37 -11.46
C ALA B 193 10.02 4.65 -12.36
N ILE B 194 9.99 4.98 -13.65
CA ILE B 194 10.88 4.38 -14.63
C ILE B 194 12.20 5.16 -14.68
N ASP B 195 12.09 6.46 -14.91
CA ASP B 195 13.25 7.34 -14.97
C ASP B 195 14.03 7.33 -13.66
N MET B 196 13.34 7.57 -12.55
CA MET B 196 14.00 7.63 -11.26
C MET B 196 14.53 6.32 -10.72
N ALA B 197 14.23 5.22 -11.39
CA ALA B 197 14.70 3.91 -10.96
C ALA B 197 16.19 3.72 -11.16
N ASP B 198 16.83 4.57 -11.97
CA ASP B 198 18.25 4.45 -12.18
C ASP B 198 19.04 4.74 -10.89
N LYS B 199 18.37 5.36 -9.93
CA LYS B 199 18.97 5.64 -8.63
C LYS B 199 18.27 4.81 -7.55
N LYS B 200 17.55 3.78 -7.98
CA LYS B 200 16.81 2.90 -7.07
C LYS B 200 15.76 3.64 -6.27
N ILE B 201 15.32 4.78 -6.76
CA ILE B 201 14.32 5.55 -6.05
C ILE B 201 12.94 5.02 -6.40
N THR B 202 12.08 4.82 -5.41
CA THR B 202 10.72 4.37 -5.72
C THR B 202 9.82 5.61 -5.70
N VAL B 203 8.87 5.67 -6.64
CA VAL B 203 7.94 6.79 -6.72
C VAL B 203 6.52 6.27 -6.57
N ASN B 204 5.75 6.82 -5.64
CA ASN B 204 4.39 6.37 -5.42
C ASN B 204 3.49 7.54 -5.07
N VAL B 205 2.20 7.37 -5.27
CA VAL B 205 1.21 8.40 -5.02
C VAL B 205 0.26 7.94 -3.95
N VAL B 206 0.06 8.77 -2.92
CA VAL B 206 -0.88 8.45 -1.87
C VAL B 206 -2.12 9.23 -2.29
N ALA B 207 -3.28 8.61 -2.24
CA ALA B 207 -4.50 9.30 -2.64
C ALA B 207 -5.52 9.28 -1.52
N PRO B 208 -5.45 10.25 -0.60
CA PRO B 208 -6.35 10.37 0.54
C PRO B 208 -7.78 10.61 0.07
N GLY B 209 -8.72 10.55 0.99
CA GLY B 209 -10.09 10.78 0.61
C GLY B 209 -10.93 11.53 1.62
N GLY B 210 -10.47 12.69 2.06
CA GLY B 210 -11.27 13.44 3.02
C GLY B 210 -10.72 13.28 4.41
N ILE B 211 -9.82 14.19 4.75
CA ILE B 211 -9.12 14.19 6.03
C ILE B 211 -9.41 15.49 6.78
N LYS B 212 -9.64 15.37 8.09
CA LYS B 212 -9.92 16.54 8.90
C LYS B 212 -8.70 17.41 9.05
N THR B 213 -8.68 18.51 8.32
CA THR B 213 -7.59 19.47 8.35
C THR B 213 -8.26 20.82 8.10
N ASP B 214 -7.47 21.88 7.99
CA ASP B 214 -8.01 23.22 7.71
C ASP B 214 -8.82 23.16 6.42
N MET B 215 -8.27 22.47 5.42
CA MET B 215 -8.95 22.32 4.12
C MET B 215 -10.34 21.74 4.32
N TYR B 216 -10.39 20.65 5.10
CA TYR B 216 -11.65 19.98 5.39
C TYR B 216 -12.64 20.97 5.98
N HIS B 217 -12.17 21.77 6.92
CA HIS B 217 -13.04 22.76 7.55
C HIS B 217 -13.53 23.78 6.55
N ALA B 218 -12.65 24.14 5.61
CA ALA B 218 -12.99 25.13 4.60
C ALA B 218 -13.95 24.66 3.52
N VAL B 219 -13.68 23.50 2.93
CA VAL B 219 -14.49 23.05 1.81
C VAL B 219 -15.26 21.74 1.85
N CYS B 220 -15.33 21.07 3.00
CA CYS B 220 -16.05 19.80 3.04
C CYS B 220 -17.49 19.90 2.53
N ARG B 221 -18.20 20.96 2.90
CA ARG B 221 -19.59 21.12 2.50
C ARG B 221 -19.81 21.15 0.98
N GLU B 222 -18.75 21.49 0.23
CA GLU B 222 -18.83 21.54 -1.21
C GLU B 222 -18.94 20.12 -1.78
N TYR B 223 -18.68 19.13 -0.94
CA TYR B 223 -18.77 17.74 -1.39
C TYR B 223 -20.10 17.13 -1.00
N ILE B 224 -20.75 17.73 -0.01
CA ILE B 224 -22.02 17.22 0.49
C ILE B 224 -23.22 17.86 -0.20
N PRO B 225 -24.02 17.05 -0.92
CA PRO B 225 -25.20 17.55 -1.62
C PRO B 225 -26.07 18.28 -0.61
N ASN B 226 -26.30 19.57 -0.83
CA ASN B 226 -27.13 20.39 0.06
C ASN B 226 -26.51 20.36 1.47
N GLY B 227 -25.32 20.93 1.62
CA GLY B 227 -24.67 20.92 2.91
C GLY B 227 -24.36 22.28 3.51
N GLU B 228 -24.79 23.34 2.84
CA GLU B 228 -24.55 24.72 3.32
C GLU B 228 -24.98 24.85 4.77
N ASN B 229 -26.07 24.18 5.10
CA ASN B 229 -26.65 24.23 6.43
C ASN B 229 -25.99 23.34 7.49
N LEU B 230 -25.34 22.26 7.06
CA LEU B 230 -24.74 21.31 8.01
C LEU B 230 -23.87 21.95 9.07
N SER B 231 -24.04 21.54 10.32
CA SER B 231 -23.21 22.06 11.39
C SER B 231 -21.93 21.24 11.32
N ASN B 232 -20.87 21.71 11.96
CA ASN B 232 -19.62 20.97 11.97
C ASN B 232 -19.82 19.49 12.33
N GLU B 233 -20.48 19.20 13.45
CA GLU B 233 -20.70 17.80 13.81
C GLU B 233 -21.54 17.07 12.75
N GLU B 234 -22.48 17.77 12.11
CA GLU B 234 -23.28 17.14 11.06
C GLU B 234 -22.43 16.72 9.86
N VAL B 235 -21.45 17.56 9.52
CA VAL B 235 -20.54 17.31 8.41
C VAL B 235 -19.77 16.03 8.72
N ASP B 236 -19.22 15.94 9.94
CA ASP B 236 -18.47 14.77 10.35
C ASP B 236 -19.36 13.53 10.33
N GLU B 237 -20.62 13.69 10.70
CA GLU B 237 -21.53 12.58 10.70
C GLU B 237 -21.71 12.07 9.28
N TYR B 238 -21.89 13.01 8.35
CA TYR B 238 -22.06 12.67 6.93
C TYR B 238 -20.81 11.98 6.42
N ALA B 239 -19.67 12.62 6.62
CA ALA B 239 -18.38 12.10 6.20
C ALA B 239 -18.18 10.65 6.68
N ALA B 240 -18.38 10.45 7.97
CA ALA B 240 -18.21 9.14 8.59
C ALA B 240 -19.11 8.08 8.03
N VAL B 241 -20.37 8.42 7.84
CA VAL B 241 -21.32 7.45 7.34
C VAL B 241 -21.36 7.27 5.83
N GLN B 242 -21.48 8.37 5.10
CA GLN B 242 -21.54 8.28 3.64
C GLN B 242 -20.23 7.85 2.98
N TRP B 243 -19.10 8.30 3.52
CA TRP B 243 -17.83 7.97 2.88
C TRP B 243 -17.01 6.79 3.36
N SER B 244 -17.52 5.99 4.28
CA SER B 244 -16.75 4.84 4.75
C SER B 244 -17.56 3.78 5.46
N PRO B 245 -17.38 2.52 5.05
CA PRO B 245 -18.09 1.42 5.68
C PRO B 245 -17.57 1.33 7.12
N LEU B 246 -16.36 1.85 7.36
CA LEU B 246 -15.76 1.80 8.69
C LEU B 246 -16.35 2.83 9.64
N ARG B 247 -17.27 3.64 9.12
CA ARG B 247 -17.98 4.65 9.89
C ARG B 247 -17.17 5.57 10.78
N ARG B 248 -16.27 6.33 10.18
CA ARG B 248 -15.47 7.31 10.91
C ARG B 248 -14.78 8.24 9.93
N VAL B 249 -14.44 9.42 10.41
CA VAL B 249 -13.78 10.41 9.59
C VAL B 249 -12.29 10.13 9.57
N GLY B 250 -11.66 10.31 8.43
CA GLY B 250 -10.24 10.07 8.33
C GLY B 250 -9.46 11.20 8.95
N LEU B 251 -8.31 10.86 9.52
CA LEU B 251 -7.44 11.84 10.17
C LEU B 251 -6.07 11.84 9.49
N PRO B 252 -5.31 12.94 9.63
CA PRO B 252 -3.98 13.01 9.02
C PRO B 252 -3.08 11.83 9.39
N ILE B 253 -3.22 11.32 10.61
CA ILE B 253 -2.41 10.20 11.03
C ILE B 253 -2.64 8.96 10.16
N ASP B 254 -3.81 8.87 9.54
CA ASP B 254 -4.16 7.76 8.67
C ASP B 254 -3.28 7.76 7.42
N ILE B 255 -2.94 8.94 6.93
CA ILE B 255 -2.09 9.07 5.75
C ILE B 255 -0.65 8.92 6.17
N ALA B 256 -0.30 9.58 7.27
CA ALA B 256 1.04 9.57 7.83
C ALA B 256 1.57 8.16 8.05
N ARG B 257 0.70 7.25 8.47
CA ARG B 257 1.12 5.87 8.71
C ARG B 257 1.49 5.12 7.43
N VAL B 258 0.69 5.33 6.39
CA VAL B 258 0.95 4.70 5.08
C VAL B 258 2.22 5.30 4.48
N VAL B 259 2.41 6.61 4.62
CA VAL B 259 3.59 7.28 4.10
C VAL B 259 4.86 6.69 4.72
N CYS B 260 4.81 6.31 6.00
CA CYS B 260 5.97 5.72 6.65
C CYS B 260 6.27 4.34 6.08
N PHE B 261 5.23 3.62 5.69
CA PHE B 261 5.38 2.29 5.11
C PHE B 261 6.11 2.41 3.78
N LEU B 262 5.63 3.30 2.92
CA LEU B 262 6.26 3.48 1.62
C LEU B 262 7.70 3.93 1.75
N ALA B 263 7.98 4.77 2.74
CA ALA B 263 9.32 5.31 2.98
C ALA B 263 10.31 4.30 3.57
N SER B 264 9.80 3.23 4.17
CA SER B 264 10.65 2.21 4.78
C SER B 264 11.10 1.13 3.80
N ASN B 265 11.81 0.13 4.30
CA ASN B 265 12.30 -0.98 3.46
C ASN B 265 11.12 -1.78 2.97
N ASP B 266 10.03 -1.77 3.75
CA ASP B 266 8.82 -2.52 3.40
C ASP B 266 8.26 -2.07 2.05
N GLY B 267 8.43 -0.80 1.72
CA GLY B 267 7.90 -0.33 0.46
C GLY B 267 8.84 -0.44 -0.72
N GLY B 268 9.96 -1.14 -0.56
CA GLY B 268 10.94 -1.26 -1.62
C GLY B 268 10.49 -1.83 -2.95
N TRP B 269 9.50 -2.71 -2.91
CA TRP B 269 8.99 -3.32 -4.12
C TRP B 269 7.66 -2.71 -4.55
N VAL B 270 7.27 -1.62 -3.90
CA VAL B 270 6.04 -0.93 -4.26
C VAL B 270 6.51 0.35 -4.93
N THR B 271 6.32 0.46 -6.24
CA THR B 271 6.74 1.65 -6.97
C THR B 271 5.80 1.87 -8.15
N GLY B 272 5.62 3.12 -8.54
CA GLY B 272 4.73 3.45 -9.65
C GLY B 272 3.27 3.18 -9.33
N LYS B 273 2.94 3.16 -8.05
CA LYS B 273 1.56 2.90 -7.65
C LYS B 273 0.83 4.03 -6.98
N VAL B 274 -0.50 3.90 -6.94
CA VAL B 274 -1.38 4.87 -6.31
C VAL B 274 -2.03 4.13 -5.14
N ILE B 275 -1.71 4.52 -3.92
CA ILE B 275 -2.29 3.88 -2.75
C ILE B 275 -3.47 4.73 -2.30
N GLY B 276 -4.68 4.21 -2.44
CA GLY B 276 -5.85 4.95 -2.04
C GLY B 276 -6.04 4.82 -0.56
N ILE B 277 -6.01 5.94 0.16
CA ILE B 277 -6.16 5.88 1.61
C ILE B 277 -7.46 6.55 2.06
N ASP B 278 -8.55 5.85 1.80
CA ASP B 278 -9.90 6.28 2.19
C ASP B 278 -10.44 5.12 3.02
N GLY B 279 -11.51 5.32 3.76
CA GLY B 279 -12.00 4.20 4.54
C GLY B 279 -12.84 3.30 3.68
N GLY B 280 -12.44 3.14 2.43
CA GLY B 280 -13.19 2.34 1.47
C GLY B 280 -14.24 3.22 0.80
N ALA B 281 -13.98 4.52 0.76
CA ALA B 281 -14.87 5.52 0.18
C ALA B 281 -15.20 5.37 -1.29
N CYS B 282 -16.36 5.90 -1.66
CA CYS B 282 -16.83 5.88 -3.04
C CYS B 282 -17.36 7.28 -3.37
N MET B 283 -16.59 8.03 -4.13
CA MET B 283 -16.95 9.40 -4.51
C MET B 283 -17.04 9.61 -6.02
PA NDP C . 3.59 -22.45 -5.24
O1A NDP C . 3.42 -23.10 -6.56
O2A NDP C . 4.96 -22.35 -4.65
O5B NDP C . 2.55 -23.17 -4.23
C5B NDP C . 2.06 -22.42 -3.09
C4B NDP C . 1.02 -23.09 -2.28
O4B NDP C . -0.36 -23.12 -2.68
C3B NDP C . 1.30 -24.35 -1.52
O3B NDP C . 1.36 -24.43 -0.24
C2B NDP C . 0.20 -25.28 -1.99
O2B NDP C . -0.11 -26.24 -0.94
C1B NDP C . -0.95 -24.32 -2.19
N9A NDP C . -2.12 -24.89 -2.57
C8A NDP C . -2.43 -25.38 -3.77
N7A NDP C . -3.60 -26.04 -3.70
C5A NDP C . -3.97 -25.94 -2.44
C6A NDP C . -5.15 -26.40 -1.90
N6A NDP C . -6.00 -27.18 -2.58
N1A NDP C . -5.36 -26.10 -0.60
C2A NDP C . -4.47 -25.42 0.13
N3A NDP C . -3.33 -24.99 -0.41
C4A NDP C . -3.06 -25.23 -1.70
O3 NDP C . 2.97 -20.97 -5.32
PN NDP C . 3.45 -19.46 -4.98
O1N NDP C . 3.90 -19.54 -3.56
O2N NDP C . 4.34 -19.00 -6.07
O5D NDP C . 2.07 -18.65 -5.12
C5D NDP C . 1.24 -18.45 -3.98
C4D NDP C . 0.09 -17.54 -4.35
O4D NDP C . 0.53 -16.29 -4.90
C3D NDP C . -0.78 -18.18 -5.40
O3D NDP C . -2.15 -17.86 -5.14
C2D NDP C . -0.29 -17.56 -6.70
O2D NDP C . -1.28 -17.61 -7.73
C1D NDP C . -0.03 -16.17 -6.21
N1N NDP C . 0.95 -15.53 -7.09
C2N NDP C . 2.24 -16.06 -7.30
C3N NDP C . 3.16 -15.37 -8.10
C7N NDP C . 4.52 -15.94 -8.52
O7N NDP C . 5.14 -15.43 -9.44
N7N NDP C . 4.96 -17.04 -7.90
C4N NDP C . 2.76 -14.16 -8.64
C5N NDP C . 1.48 -13.63 -8.44
C6N NDP C . 0.56 -14.32 -7.66
P2B NDP C . 0.56 -27.71 -0.91
O1X NDP C . 0.58 -27.98 0.53
O2X NDP C . 1.90 -27.49 -1.53
O3X NDP C . -0.43 -28.49 -1.69
C1 BEA D . 5.18 -16.27 -12.62
C2 BEA D . 4.92 -17.62 -11.94
C3 BEA D . 6.42 -16.01 -13.25
C4 BEA D . 6.69 -14.78 -13.89
C5 BEA D . 5.73 -13.77 -13.92
C6 BEA D . 4.50 -14.03 -13.29
C7 BEA D . 2.30 -14.11 -12.33
C8 BEA D . 4.22 -15.23 -12.66
C9 BEA D . 2.17 -15.99 -11.51
N1 BEA D . 2.97 -15.19 -12.16
N2 BEA D . 1.05 -15.44 -11.25
N3 BEA D . 1.14 -14.14 -11.84
S BEA D . 3.17 -12.85 -13.24
PA NDP E . -4.19 22.60 4.17
O1A NDP E . -5.23 23.45 3.52
O2A NDP E . -4.30 22.31 5.62
O5B NDP E . -2.76 23.25 3.77
C5B NDP E . -1.60 22.38 3.73
C4B NDP E . -0.35 23.01 3.24
O4B NDP E . -0.09 23.21 1.86
C3B NDP E . 0.32 24.12 4.01
O3B NDP E . 1.44 24.00 4.62
C2B NDP E . 0.49 25.19 2.96
O2B NDP E . 1.65 26.01 3.26
C1B NDP E . 0.73 24.37 1.71
N9A NDP E . 0.97 25.09 0.57
C8A NDP E . 0.09 25.77 -0.15
N7A NDP E . 0.73 26.51 -1.06
C5A NDP E . 2.01 26.26 -0.85
C6A NDP E . 3.07 26.74 -1.62
N6A NDP E . 2.92 27.66 -2.56
N1A NDP E . 4.29 26.26 -1.29
C2A NDP E . 4.48 25.42 -0.27
N3A NDP E . 3.45 24.97 0.46
C4A NDP E . 2.19 25.37 0.17
O3 NDP E . -4.13 21.20 3.38
PN NDP E . -4.18 19.63 3.73
O1N NDP E . -3.12 19.45 4.77
O2N NDP E . -5.59 19.26 3.98
O5D NDP E . -3.77 18.96 2.33
C5D NDP E . -2.39 18.66 2.06
C4D NDP E . -2.29 17.92 0.75
O4D NDP E . -3.10 16.73 0.73
C3D NDP E . -2.78 18.77 -0.40
O3D NDP E . -1.96 18.54 -1.55
C2D NDP E . -4.21 18.32 -0.61
O2D NDP E . -4.68 18.60 -1.92
C1D NDP E . -4.04 16.85 -0.36
N1N NDP E . -5.31 16.27 0.04
C2N NDP E . -6.02 16.72 1.17
C3N NDP E . -7.21 16.08 1.55
C7N NDP E . -8.14 16.59 2.66
O7N NDP E . -9.29 16.17 2.74
N7N NDP E . -7.69 17.53 3.48
C4N NDP E . -7.64 14.99 0.80
C5N NDP E . -6.93 14.55 -0.32
C6N NDP E . -5.76 15.19 -0.71
P2B NDP E . 1.50 27.40 4.07
O1X NDP E . 2.80 27.46 4.76
O2X NDP E . 0.34 27.16 4.97
O3X NDP E . 1.33 28.36 2.97
C1 BEA F . -12.06 17.45 1.52
C2 BEA F . -11.20 18.71 1.77
C3 BEA F . -13.19 17.19 2.32
C4 BEA F . -14.00 16.06 2.11
C5 BEA F . -13.69 15.14 1.09
C6 BEA F . -12.56 15.40 0.30
C7 BEA F . -10.71 15.53 -1.24
C8 BEA F . -11.77 16.52 0.51
C9 BEA F . -9.75 17.26 -0.72
N1 BEA F . -10.76 16.51 -0.41
N2 BEA F . -9.07 16.79 -1.67
N3 BEA F . -9.75 15.59 -2.04
S BEA F . -12.02 14.35 -1.03
#